data_1A8A
#
_entry.id   1A8A
#
_cell.length_a   157.270
_cell.length_b   157.270
_cell.length_c   37.450
_cell.angle_alpha   90.00
_cell.angle_beta   90.00
_cell.angle_gamma   120.00
#
_symmetry.space_group_name_H-M   'H 3'
#
loop_
_entity.id
_entity.type
_entity.pdbx_description
1 polymer 'ANNEXIN V'
2 non-polymer 'CALCIUM ION'
3 non-polymer L-ALPHA-GLYCEROPHOSPHORYLSERINE
4 water water
#
_entity_poly.entity_id   1
_entity_poly.type   'polypeptide(L)'
_entity_poly.pdbx_seq_one_letter_code
;(ACE)ALRGTVTDFSGFDGRADAEVLRKAMKGLGTDEDSILNLLTARSNAQRQQIAEEFKTLFGRDLVNDMKSELTGKFE
KLIVALMKPSRLYDAYELKHALKGAGTDEKVLTEIIASRTPEELRAIKQAYEEEYGSNLEDDVVGDTSGYYQRMLVVLLQ
ANRDPDTAIDDAQVELDAQALFQAGELKWGTDEEKFITILGTRSVSHLRRVFDKYMTISGFQIEETIDRETSGNLENLLL
AVVKSIRSIPAYLAETLYYAMKGAGTDDHTLIRVIVSRSEIDLFNIRKEFRKNFATSLYSMIKGDTSGDYKKALLLLCGG
EDD
;
_entity_poly.pdbx_strand_id   A
#
loop_
_chem_comp.id
_chem_comp.type
_chem_comp.name
_chem_comp.formula
ACE non-polymer 'ACETYL GROUP' 'C2 H4 O'
CA non-polymer 'CALCIUM ION' 'Ca 2'
GSE non-polymer L-ALPHA-GLYCEROPHOSPHORYLSERINE 'C6 H14 N O8 P'
#
# COMPACT_ATOMS: atom_id res chain seq x y z
N ALA A 2 -8.03 1.67 -17.36
CA ALA A 2 -8.53 0.83 -16.28
C ALA A 2 -8.17 1.09 -14.82
N LEU A 3 -7.05 1.67 -14.41
CA LEU A 3 -6.71 1.79 -12.99
C LEU A 3 -7.35 3.12 -12.59
N ARG A 4 -8.05 3.16 -11.45
CA ARG A 4 -8.74 4.38 -11.08
C ARG A 4 -8.87 4.50 -9.58
N GLY A 5 -8.57 5.69 -9.06
CA GLY A 5 -8.82 6.02 -7.67
C GLY A 5 -10.24 6.54 -7.45
N THR A 6 -10.54 6.88 -6.22
CA THR A 6 -11.83 7.41 -5.85
C THR A 6 -11.75 8.93 -5.53
N VAL A 7 -10.56 9.55 -5.37
CA VAL A 7 -10.43 10.95 -4.99
C VAL A 7 -9.89 11.68 -6.18
N THR A 8 -10.51 12.75 -6.63
CA THR A 8 -9.99 13.52 -7.75
C THR A 8 -9.88 14.99 -7.37
N ASP A 9 -9.34 15.78 -8.29
CA ASP A 9 -9.27 17.20 -8.14
C ASP A 9 -10.67 17.76 -8.21
N PHE A 10 -10.95 18.63 -7.28
CA PHE A 10 -12.20 19.34 -7.24
C PHE A 10 -12.18 20.43 -8.29
N SER A 11 -13.30 20.58 -9.00
CA SER A 11 -13.43 21.64 -9.99
C SER A 11 -13.84 22.85 -9.19
N GLY A 12 -13.28 24.02 -9.49
CA GLY A 12 -13.60 25.23 -8.75
C GLY A 12 -13.03 25.23 -7.34
N PHE A 13 -11.75 24.84 -7.30
CA PHE A 13 -10.98 24.83 -6.07
C PHE A 13 -10.56 26.28 -5.89
N ASP A 14 -10.60 26.70 -4.64
CA ASP A 14 -10.12 28.00 -4.27
C ASP A 14 -9.41 27.68 -2.98
N GLY A 15 -8.09 27.61 -3.04
CA GLY A 15 -7.28 27.33 -1.84
C GLY A 15 -7.59 28.21 -0.64
N ARG A 16 -7.81 29.51 -0.95
CA ARG A 16 -8.00 30.54 0.06
C ARG A 16 -9.33 30.44 0.74
N ALA A 17 -10.39 30.17 -0.02
CA ALA A 17 -11.64 29.93 0.62
C ALA A 17 -11.54 28.71 1.56
N ASP A 18 -10.87 27.59 1.17
CA ASP A 18 -10.94 26.41 2.01
C ASP A 18 -10.13 26.55 3.25
N ALA A 19 -9.04 27.31 3.20
CA ALA A 19 -8.27 27.51 4.41
C ALA A 19 -9.11 28.38 5.38
N GLU A 20 -9.97 29.30 4.92
CA GLU A 20 -10.83 30.07 5.85
C GLU A 20 -11.88 29.13 6.45
N VAL A 21 -12.45 28.21 5.64
CA VAL A 21 -13.36 27.19 6.18
C VAL A 21 -12.65 26.39 7.26
N LEU A 22 -11.41 26.02 7.02
CA LEU A 22 -10.70 25.28 8.01
C LEU A 22 -10.35 26.11 9.25
N ARG A 23 -10.01 27.41 9.12
CA ARG A 23 -9.69 28.28 10.27
C ARG A 23 -10.91 28.42 11.18
N LYS A 24 -12.09 28.65 10.59
CA LYS A 24 -13.33 28.71 11.33
C LYS A 24 -13.68 27.40 12.01
N ALA A 25 -13.43 26.26 11.34
CA ALA A 25 -13.72 24.92 11.89
C ALA A 25 -12.95 24.52 13.12
N MET A 26 -11.95 25.30 13.49
CA MET A 26 -11.10 25.05 14.65
C MET A 26 -11.02 26.24 15.62
N LYS A 27 -11.12 27.50 15.21
CA LYS A 27 -10.99 28.64 16.10
C LYS A 27 -11.98 28.47 17.26
N GLY A 28 -11.55 28.76 18.47
CA GLY A 28 -12.45 28.70 19.62
C GLY A 28 -12.48 27.40 20.38
N LEU A 29 -13.32 27.32 21.41
CA LEU A 29 -13.49 26.08 22.16
C LEU A 29 -14.14 25.15 21.18
N GLY A 30 -13.80 23.88 21.15
CA GLY A 30 -14.41 23.02 20.14
C GLY A 30 -13.67 23.05 18.80
N THR A 31 -14.18 22.10 18.02
CA THR A 31 -13.68 21.73 16.70
C THR A 31 -14.95 21.27 15.98
N ASP A 32 -15.17 21.75 14.78
CA ASP A 32 -16.20 21.25 13.90
C ASP A 32 -15.60 20.14 13.01
N GLU A 33 -15.40 18.94 13.56
CA GLU A 33 -14.82 17.80 12.84
C GLU A 33 -15.54 17.49 11.55
N ASP A 34 -16.83 17.80 11.51
CA ASP A 34 -17.57 17.58 10.30
C ASP A 34 -17.14 18.50 9.18
N SER A 35 -16.78 19.82 9.34
CA SER A 35 -16.37 20.58 8.14
C SER A 35 -14.99 20.22 7.53
N ILE A 36 -14.12 19.77 8.45
CA ILE A 36 -12.77 19.30 8.15
C ILE A 36 -12.84 18.07 7.26
N LEU A 37 -13.54 17.04 7.73
CA LEU A 37 -13.70 15.73 7.11
C LEU A 37 -14.38 15.86 5.78
N ASN A 38 -15.48 16.59 5.74
CA ASN A 38 -16.13 16.80 4.47
C ASN A 38 -15.32 17.56 3.50
N LEU A 39 -14.48 18.53 3.88
CA LEU A 39 -13.72 19.28 2.88
C LEU A 39 -12.51 18.49 2.41
N LEU A 40 -11.71 17.96 3.34
CA LEU A 40 -10.48 17.27 2.98
C LEU A 40 -10.74 16.04 2.16
N THR A 41 -11.73 15.19 2.43
CA THR A 41 -11.91 14.03 1.59
C THR A 41 -12.37 14.42 0.20
N ALA A 42 -12.73 15.69 -0.04
CA ALA A 42 -13.19 16.15 -1.36
C ALA A 42 -12.17 16.95 -2.13
N ARG A 43 -10.93 16.90 -1.68
CA ARG A 43 -9.87 17.65 -2.30
C ARG A 43 -8.81 16.64 -2.72
N SER A 44 -8.10 16.78 -3.83
CA SER A 44 -7.03 15.83 -4.07
C SER A 44 -5.86 16.08 -3.10
N ASN A 45 -4.90 15.14 -2.98
CA ASN A 45 -3.75 15.34 -2.15
C ASN A 45 -2.97 16.62 -2.51
N ALA A 46 -2.86 16.98 -3.79
CA ALA A 46 -2.16 18.18 -4.20
C ALA A 46 -2.90 19.41 -3.73
N GLN A 47 -4.25 19.34 -3.85
CA GLN A 47 -5.10 20.40 -3.37
C GLN A 47 -4.85 20.61 -1.88
N ARG A 48 -4.87 19.55 -1.04
CA ARG A 48 -4.61 19.66 0.39
C ARG A 48 -3.28 20.37 0.69
N GLN A 49 -2.28 20.24 -0.17
CA GLN A 49 -0.99 20.91 0.02
C GLN A 49 -1.10 22.40 -0.28
N GLN A 50 -1.86 22.76 -1.33
CA GLN A 50 -2.12 24.16 -1.65
C GLN A 50 -2.88 24.80 -0.47
N ILE A 51 -3.89 24.13 0.05
CA ILE A 51 -4.65 24.61 1.19
C ILE A 51 -3.68 24.86 2.30
N ALA A 52 -2.81 23.91 2.57
CA ALA A 52 -1.93 24.03 3.70
C ALA A 52 -1.00 25.20 3.58
N GLU A 53 -0.52 25.58 2.40
CA GLU A 53 0.35 26.74 2.34
C GLU A 53 -0.50 28.02 2.38
N GLU A 54 -1.72 28.08 1.78
CA GLU A 54 -2.62 29.22 1.90
C GLU A 54 -2.98 29.56 3.33
N PHE A 55 -3.26 28.52 4.09
CA PHE A 55 -3.60 28.71 5.49
C PHE A 55 -2.45 29.33 6.20
N LYS A 56 -1.23 29.01 5.72
CA LYS A 56 -0.07 29.51 6.39
C LYS A 56 0.22 30.97 6.01
N THR A 57 0.03 31.38 4.75
CA THR A 57 0.25 32.75 4.41
C THR A 57 -0.83 33.67 5.02
N LEU A 58 -2.12 33.27 5.01
CA LEU A 58 -3.20 33.99 5.68
C LEU A 58 -3.07 34.09 7.19
N PHE A 59 -2.76 33.02 7.93
CA PHE A 59 -2.77 33.10 9.40
C PHE A 59 -1.43 32.84 10.08
N GLY A 60 -0.36 32.41 9.39
CA GLY A 60 0.91 32.23 10.04
C GLY A 60 0.89 31.16 11.05
N ARG A 61 0.03 30.17 10.76
CA ARG A 61 -0.24 29.00 11.60
C ARG A 61 -0.01 27.74 10.74
N ASP A 62 0.37 26.60 11.32
CA ASP A 62 0.65 25.40 10.53
C ASP A 62 -0.57 24.52 10.54
N LEU A 63 -1.13 24.20 9.37
CA LEU A 63 -2.41 23.52 9.27
C LEU A 63 -2.41 22.20 9.95
N VAL A 64 -1.38 21.39 9.69
CA VAL A 64 -1.32 20.02 10.24
C VAL A 64 -1.06 20.06 11.72
N ASN A 65 -0.31 21.02 12.24
CA ASN A 65 -0.08 21.12 13.67
C ASN A 65 -1.32 21.56 14.40
N ASP A 66 -2.14 22.41 13.81
CA ASP A 66 -3.36 22.82 14.49
C ASP A 66 -4.34 21.67 14.52
N MET A 67 -4.53 20.92 13.43
CA MET A 67 -5.30 19.68 13.40
C MET A 67 -4.82 18.67 14.43
N LYS A 68 -3.50 18.50 14.58
CA LYS A 68 -3.01 17.63 15.62
C LYS A 68 -3.45 18.08 16.99
N SER A 69 -3.63 19.39 17.20
CA SER A 69 -4.02 19.99 18.48
C SER A 69 -5.49 19.80 18.78
N GLU A 70 -6.28 19.98 17.74
CA GLU A 70 -7.71 19.84 17.82
C GLU A 70 -8.27 18.42 17.92
N LEU A 71 -7.72 17.54 17.08
CA LEU A 71 -8.22 16.18 16.94
C LEU A 71 -7.52 15.15 17.77
N THR A 72 -8.20 14.01 17.89
CA THR A 72 -7.61 12.90 18.59
C THR A 72 -7.96 11.54 18.02
N GLY A 73 -7.17 10.54 18.44
CA GLY A 73 -7.39 9.15 18.07
C GLY A 73 -7.16 8.80 16.59
N LYS A 74 -7.89 7.77 16.17
CA LYS A 74 -7.81 7.22 14.82
C LYS A 74 -8.15 8.27 13.80
N PHE A 75 -9.15 9.14 14.09
CA PHE A 75 -9.51 10.20 13.17
C PHE A 75 -8.33 11.17 12.98
N GLU A 76 -7.57 11.53 14.03
CA GLU A 76 -6.38 12.35 13.90
C GLU A 76 -5.42 11.66 12.95
N LYS A 77 -5.10 10.39 13.28
CA LYS A 77 -4.25 9.54 12.45
C LYS A 77 -4.72 9.48 11.02
N LEU A 78 -6.01 9.39 10.69
CA LEU A 78 -6.45 9.39 9.32
C LEU A 78 -6.21 10.72 8.62
N ILE A 79 -6.52 11.85 9.33
CA ILE A 79 -6.38 13.21 8.79
C ILE A 79 -4.91 13.60 8.56
N VAL A 80 -4.02 13.22 9.47
CA VAL A 80 -2.58 13.41 9.29
C VAL A 80 -2.07 12.60 8.09
N ALA A 81 -2.46 11.31 7.94
CA ALA A 81 -2.09 10.52 6.79
C ALA A 81 -2.55 11.16 5.48
N LEU A 82 -3.80 11.65 5.40
CA LEU A 82 -4.28 12.35 4.20
C LEU A 82 -3.56 13.62 3.85
N MET A 83 -2.92 14.23 4.86
CA MET A 83 -2.20 15.45 4.64
C MET A 83 -0.79 15.19 4.19
N LYS A 84 -0.14 14.03 4.41
CA LYS A 84 1.21 13.75 3.93
C LYS A 84 1.29 13.90 2.45
N PRO A 85 2.21 14.64 1.81
CA PRO A 85 2.27 14.72 0.37
C PRO A 85 2.33 13.27 -0.15
N SER A 86 1.65 12.93 -1.24
CA SER A 86 1.59 11.56 -1.71
C SER A 86 2.98 10.96 -2.04
N ARG A 87 3.89 11.85 -2.49
CA ARG A 87 5.30 11.58 -2.73
C ARG A 87 6.03 11.07 -1.51
N LEU A 88 5.64 11.50 -0.30
CA LEU A 88 6.33 11.09 0.87
C LEU A 88 5.67 9.99 1.68
N TYR A 89 4.37 9.70 1.47
CA TYR A 89 3.64 8.85 2.40
C TYR A 89 4.22 7.43 2.53
N ASP A 90 4.58 6.76 1.42
CA ASP A 90 5.13 5.41 1.53
C ASP A 90 6.49 5.41 2.18
N ALA A 91 7.30 6.46 1.95
CA ALA A 91 8.60 6.61 2.60
C ALA A 91 8.43 6.76 4.09
N TYR A 92 7.39 7.52 4.44
CA TYR A 92 7.00 7.82 5.83
C TYR A 92 6.68 6.54 6.63
N GLU A 93 5.78 5.79 5.96
CA GLU A 93 5.26 4.55 6.48
C GLU A 93 6.36 3.52 6.61
N LEU A 94 7.32 3.35 5.69
CA LEU A 94 8.45 2.44 5.84
C LEU A 94 9.40 2.92 6.91
N LYS A 95 9.73 4.23 7.06
CA LYS A 95 10.61 4.69 8.16
C LYS A 95 10.00 4.34 9.48
N HIS A 96 8.68 4.56 9.61
CA HIS A 96 8.03 4.26 10.88
C HIS A 96 7.92 2.76 11.08
N ALA A 97 8.02 1.93 10.03
CA ALA A 97 8.10 0.46 10.17
C ALA A 97 9.47 0.04 10.61
N LEU A 98 10.51 0.74 10.15
CA LEU A 98 11.88 0.35 10.49
C LEU A 98 12.27 0.94 11.83
N LYS A 99 11.46 1.90 12.28
CA LYS A 99 11.60 2.57 13.56
C LYS A 99 11.54 1.68 14.79
N GLY A 100 11.95 2.28 15.91
CA GLY A 100 12.04 1.59 17.19
C GLY A 100 13.06 0.47 17.15
N ALA A 101 12.99 -0.37 18.17
CA ALA A 101 13.90 -1.50 18.29
C ALA A 101 13.62 -2.46 17.13
N GLY A 102 12.52 -3.22 17.16
CA GLY A 102 12.26 -4.23 16.15
C GLY A 102 11.93 -3.70 14.76
N THR A 103 10.92 -4.28 14.11
CA THR A 103 10.57 -3.95 12.75
C THR A 103 9.20 -4.50 12.51
N ASP A 104 8.39 -3.77 11.77
CA ASP A 104 7.06 -4.16 11.38
C ASP A 104 7.15 -4.73 9.96
N GLU A 105 7.27 -6.06 9.86
CA GLU A 105 7.46 -6.76 8.59
C GLU A 105 6.26 -6.70 7.67
N LYS A 106 5.05 -6.60 8.25
CA LYS A 106 3.80 -6.44 7.53
C LYS A 106 3.94 -5.31 6.55
N VAL A 107 4.41 -4.17 7.10
CA VAL A 107 4.43 -2.90 6.39
C VAL A 107 5.46 -2.95 5.30
N LEU A 108 6.66 -3.43 5.70
CA LEU A 108 7.73 -3.61 4.71
C LEU A 108 7.38 -4.47 3.49
N THR A 109 6.85 -5.69 3.79
CA THR A 109 6.39 -6.66 2.81
C THR A 109 5.31 -6.06 1.93
N GLU A 110 4.22 -5.55 2.53
CA GLU A 110 3.11 -4.91 1.85
C GLU A 110 3.50 -3.84 0.90
N ILE A 111 4.33 -2.82 1.24
CA ILE A 111 4.66 -1.77 0.30
C ILE A 111 5.69 -2.24 -0.69
N ILE A 112 6.73 -2.94 -0.24
CA ILE A 112 7.78 -3.29 -1.17
C ILE A 112 7.27 -4.29 -2.18
N ALA A 113 6.39 -5.24 -1.84
CA ALA A 113 5.84 -6.18 -2.79
C ALA A 113 4.88 -5.61 -3.76
N SER A 114 4.01 -4.71 -3.31
CA SER A 114 2.98 -4.17 -4.18
C SER A 114 3.34 -2.93 -4.96
N ARG A 115 4.48 -2.27 -4.68
CA ARG A 115 4.84 -1.08 -5.45
C ARG A 115 5.60 -1.43 -6.70
N THR A 116 5.30 -0.78 -7.81
CA THR A 116 5.98 -1.00 -9.08
C THR A 116 7.43 -0.48 -9.06
N PRO A 117 8.36 -0.89 -9.94
CA PRO A 117 9.74 -0.43 -9.99
C PRO A 117 9.82 1.11 -9.97
N GLU A 118 9.06 1.79 -10.85
CA GLU A 118 9.00 3.26 -10.82
C GLU A 118 8.53 3.86 -9.51
N GLU A 119 7.54 3.31 -8.80
CA GLU A 119 7.18 3.80 -7.48
C GLU A 119 8.26 3.55 -6.47
N LEU A 120 8.97 2.44 -6.55
CA LEU A 120 10.07 2.11 -5.63
C LEU A 120 11.27 3.02 -5.77
N ARG A 121 11.63 3.47 -6.98
CA ARG A 121 12.73 4.41 -7.08
C ARG A 121 12.34 5.83 -6.61
N ALA A 122 11.15 6.30 -6.98
CA ALA A 122 10.57 7.45 -6.33
C ALA A 122 10.63 7.34 -4.80
N ILE A 123 10.11 6.28 -4.15
CA ILE A 123 10.16 6.11 -2.70
C ILE A 123 11.58 6.14 -2.19
N LYS A 124 12.65 5.69 -2.91
CA LYS A 124 14.00 5.64 -2.34
C LYS A 124 14.72 7.01 -2.25
N GLN A 125 14.42 7.79 -3.27
CA GLN A 125 14.80 9.16 -3.45
C GLN A 125 14.13 9.97 -2.34
N ALA A 126 12.80 9.96 -2.26
CA ALA A 126 12.05 10.71 -1.29
C ALA A 126 12.46 10.33 0.11
N TYR A 127 12.78 9.08 0.38
CA TYR A 127 13.18 8.66 1.71
C TYR A 127 14.51 9.26 2.10
N GLU A 128 15.43 9.36 1.13
CA GLU A 128 16.79 9.78 1.42
C GLU A 128 16.83 11.26 1.77
N GLU A 129 16.12 12.00 0.92
CA GLU A 129 15.90 13.42 0.99
C GLU A 129 15.26 13.79 2.31
N GLU A 130 14.26 13.04 2.78
CA GLU A 130 13.60 13.31 4.04
C GLU A 130 14.26 12.92 5.33
N TYR A 131 14.72 11.69 5.33
CA TYR A 131 15.23 11.11 6.55
C TYR A 131 16.74 11.11 6.64
N GLY A 132 17.38 11.44 5.51
CA GLY A 132 18.84 11.49 5.41
C GLY A 132 19.50 10.11 5.51
N SER A 133 18.73 9.02 5.48
CA SER A 133 19.23 7.67 5.48
C SER A 133 19.03 7.04 4.12
N ASN A 134 19.75 5.97 3.77
CA ASN A 134 19.41 5.21 2.57
C ASN A 134 18.46 4.04 2.94
N LEU A 135 17.40 3.78 2.16
CA LEU A 135 16.36 2.81 2.49
C LEU A 135 16.96 1.44 2.55
N GLU A 136 17.71 1.09 1.51
CA GLU A 136 18.31 -0.22 1.47
C GLU A 136 19.10 -0.44 2.72
N ASP A 137 19.94 0.52 3.13
CA ASP A 137 20.74 0.31 4.32
C ASP A 137 20.02 0.08 5.61
N ASP A 138 18.85 0.69 5.76
CA ASP A 138 18.05 0.56 6.97
C ASP A 138 17.33 -0.77 6.96
N VAL A 139 16.84 -1.20 5.78
CA VAL A 139 16.15 -2.50 5.58
C VAL A 139 17.11 -3.62 5.97
N VAL A 140 18.30 -3.66 5.38
CA VAL A 140 19.38 -4.57 5.74
C VAL A 140 19.68 -4.52 7.22
N GLY A 141 19.66 -3.35 7.81
CA GLY A 141 19.93 -3.12 9.20
C GLY A 141 18.94 -3.82 10.06
N ASP A 142 17.68 -3.83 9.67
CA ASP A 142 16.62 -4.47 10.40
C ASP A 142 16.25 -5.93 10.04
N THR A 143 16.65 -6.49 8.90
CA THR A 143 16.22 -7.83 8.58
C THR A 143 17.32 -8.87 8.40
N SER A 144 17.00 -10.13 8.11
CA SER A 144 18.02 -11.15 7.91
C SER A 144 17.54 -12.21 6.96
N GLY A 145 18.46 -13.13 6.64
CA GLY A 145 18.17 -14.32 5.90
C GLY A 145 17.74 -13.95 4.53
N TYR A 146 16.96 -14.87 4.00
CA TYR A 146 16.45 -14.71 2.65
C TYR A 146 15.38 -13.68 2.60
N TYR A 147 14.70 -13.35 3.70
CA TYR A 147 13.70 -12.30 3.65
C TYR A 147 14.40 -11.00 3.24
N GLN A 148 15.47 -10.62 3.96
CA GLN A 148 16.37 -9.49 3.62
C GLN A 148 16.77 -9.47 2.16
N ARG A 149 17.37 -10.55 1.64
CA ARG A 149 17.80 -10.65 0.25
C ARG A 149 16.69 -10.44 -0.74
N MET A 150 15.50 -10.95 -0.45
CA MET A 150 14.36 -10.78 -1.33
C MET A 150 13.93 -9.29 -1.29
N LEU A 151 13.93 -8.65 -0.12
CA LEU A 151 13.60 -7.22 -0.03
C LEU A 151 14.64 -6.38 -0.78
N VAL A 152 15.93 -6.64 -0.64
CA VAL A 152 16.99 -5.93 -1.41
C VAL A 152 16.80 -6.17 -2.89
N VAL A 153 16.48 -7.36 -3.37
CA VAL A 153 16.27 -7.54 -4.81
C VAL A 153 15.13 -6.66 -5.30
N LEU A 154 14.05 -6.59 -4.51
CA LEU A 154 12.89 -5.86 -4.94
C LEU A 154 13.24 -4.38 -4.90
N LEU A 155 13.99 -3.93 -3.89
CA LEU A 155 14.46 -2.54 -3.80
C LEU A 155 15.38 -2.10 -4.90
N GLN A 156 16.00 -3.02 -5.66
CA GLN A 156 16.78 -2.59 -6.82
C GLN A 156 15.92 -1.98 -7.88
N ALA A 157 14.61 -2.26 -7.84
CA ALA A 157 13.63 -1.77 -8.78
C ALA A 157 13.99 -2.04 -10.22
N ASN A 158 14.58 -3.21 -10.53
CA ASN A 158 15.13 -3.47 -11.85
C ASN A 158 14.49 -4.69 -12.46
N ARG A 159 13.18 -4.88 -12.32
CA ARG A 159 12.54 -6.05 -12.85
C ARG A 159 12.58 -5.94 -14.35
N ASP A 160 12.69 -7.06 -15.07
CA ASP A 160 12.75 -7.04 -16.51
C ASP A 160 11.52 -6.34 -17.09
N PRO A 161 11.62 -5.66 -18.21
CA PRO A 161 10.49 -5.09 -18.90
C PRO A 161 9.64 -6.20 -19.48
N ASP A 162 8.42 -5.83 -19.75
CA ASP A 162 7.46 -6.70 -20.34
C ASP A 162 7.77 -6.63 -21.83
N THR A 163 7.93 -7.74 -22.49
CA THR A 163 8.20 -7.69 -23.91
C THR A 163 7.50 -8.91 -24.47
N ALA A 164 7.85 -9.33 -25.68
CA ALA A 164 7.19 -10.50 -26.22
C ALA A 164 7.61 -11.76 -25.44
N ILE A 165 6.64 -12.63 -25.14
CA ILE A 165 6.92 -13.82 -24.33
C ILE A 165 7.56 -14.89 -25.22
N ASP A 166 8.55 -15.50 -24.58
CA ASP A 166 9.25 -16.63 -25.12
C ASP A 166 8.80 -17.88 -24.39
N ASP A 167 8.11 -18.79 -25.03
CA ASP A 167 7.52 -19.99 -24.41
C ASP A 167 8.53 -21.01 -23.90
N ALA A 168 9.66 -21.09 -24.60
CA ALA A 168 10.80 -21.91 -24.20
C ALA A 168 11.31 -21.31 -22.90
N GLN A 169 11.25 -19.97 -22.72
CA GLN A 169 11.67 -19.37 -21.48
C GLN A 169 10.74 -19.59 -20.32
N VAL A 170 9.46 -19.62 -20.71
CA VAL A 170 8.40 -19.86 -19.74
C VAL A 170 8.50 -21.26 -19.21
N GLU A 171 8.64 -22.26 -20.10
CA GLU A 171 8.77 -23.60 -19.57
C GLU A 171 10.09 -23.87 -18.89
N LEU A 172 11.22 -23.22 -19.24
CA LEU A 172 12.48 -23.37 -18.54
C LEU A 172 12.33 -22.85 -17.13
N ASP A 173 11.67 -21.70 -16.91
CA ASP A 173 11.47 -21.19 -15.55
C ASP A 173 10.46 -21.93 -14.70
N ALA A 174 9.41 -22.48 -15.30
CA ALA A 174 8.40 -23.30 -14.64
C ALA A 174 9.09 -24.52 -14.06
N GLN A 175 9.91 -25.14 -14.90
CA GLN A 175 10.73 -26.30 -14.52
C GLN A 175 11.84 -26.01 -13.50
N ALA A 176 12.67 -24.95 -13.60
CA ALA A 176 13.61 -24.56 -12.57
C ALA A 176 12.94 -24.43 -11.23
N LEU A 177 11.74 -23.78 -11.18
CA LEU A 177 10.98 -23.67 -9.92
C LEU A 177 10.50 -24.96 -9.27
N PHE A 178 10.02 -25.86 -10.13
CA PHE A 178 9.70 -27.23 -9.79
C PHE A 178 10.91 -27.98 -9.21
N GLN A 179 12.11 -28.01 -9.88
CA GLN A 179 13.32 -28.71 -9.38
C GLN A 179 13.87 -28.01 -8.15
N ALA A 180 13.62 -26.68 -8.08
CA ALA A 180 14.06 -25.84 -6.95
C ALA A 180 13.27 -26.03 -5.68
N GLY A 181 12.00 -26.44 -5.79
CA GLY A 181 11.24 -26.67 -4.59
C GLY A 181 10.75 -28.08 -4.37
N GLU A 182 9.62 -28.50 -4.98
CA GLU A 182 8.97 -29.78 -4.75
C GLU A 182 9.87 -31.01 -4.95
N LEU A 183 10.76 -30.91 -5.95
CA LEU A 183 11.65 -32.02 -6.26
C LEU A 183 12.96 -31.95 -5.51
N LYS A 184 13.15 -31.04 -4.56
CA LYS A 184 14.38 -30.97 -3.84
C LYS A 184 14.22 -31.32 -2.39
N TRP A 185 15.11 -31.99 -1.65
CA TRP A 185 15.00 -32.10 -0.20
C TRP A 185 15.51 -30.74 0.32
N GLY A 186 14.66 -29.99 1.01
CA GLY A 186 14.94 -28.59 1.20
C GLY A 186 14.49 -27.78 0.00
N THR A 187 15.03 -26.57 -0.15
CA THR A 187 14.59 -25.59 -1.16
C THR A 187 15.82 -24.80 -1.56
N ASP A 188 15.83 -24.32 -2.78
CA ASP A 188 16.80 -23.42 -3.30
C ASP A 188 16.05 -22.09 -3.41
N GLU A 189 15.95 -21.40 -2.28
CA GLU A 189 15.31 -20.08 -2.12
C GLU A 189 16.01 -19.09 -3.04
N GLU A 190 17.31 -19.14 -3.26
CA GLU A 190 17.97 -18.25 -4.17
C GLU A 190 17.39 -18.34 -5.57
N LYS A 191 16.92 -19.53 -5.95
CA LYS A 191 16.35 -19.70 -7.27
C LYS A 191 14.99 -19.05 -7.28
N PHE A 192 14.19 -19.14 -6.20
CA PHE A 192 12.86 -18.49 -6.13
C PHE A 192 12.96 -16.96 -6.13
N ILE A 193 13.86 -16.39 -5.38
CA ILE A 193 14.10 -14.93 -5.33
C ILE A 193 14.51 -14.39 -6.69
N THR A 194 15.41 -15.05 -7.40
CA THR A 194 15.91 -14.57 -8.66
C THR A 194 14.79 -14.59 -9.62
N ILE A 195 14.03 -15.69 -9.82
CA ILE A 195 13.00 -15.70 -10.86
C ILE A 195 11.81 -14.82 -10.44
N LEU A 196 11.34 -14.92 -9.17
CA LEU A 196 10.24 -14.05 -8.75
C LEU A 196 10.61 -12.58 -8.58
N GLY A 197 11.81 -12.24 -8.10
CA GLY A 197 12.24 -10.86 -7.90
C GLY A 197 12.59 -10.18 -9.21
N THR A 198 12.79 -10.89 -10.32
CA THR A 198 13.49 -10.28 -11.46
C THR A 198 12.85 -10.44 -12.80
N ARG A 199 12.00 -11.44 -12.99
CA ARG A 199 11.41 -11.67 -14.29
C ARG A 199 10.25 -10.69 -14.52
N SER A 200 9.88 -10.40 -15.75
CA SER A 200 8.84 -9.43 -15.95
C SER A 200 7.50 -9.90 -15.45
N VAL A 201 6.53 -8.99 -15.22
CA VAL A 201 5.24 -9.41 -14.71
C VAL A 201 4.55 -10.25 -15.77
N SER A 202 4.50 -9.90 -17.05
CA SER A 202 3.71 -10.75 -17.92
C SER A 202 4.32 -12.09 -18.18
N HIS A 203 5.67 -12.18 -18.15
CA HIS A 203 6.35 -13.47 -18.25
C HIS A 203 6.01 -14.23 -17.03
N LEU A 204 5.94 -13.69 -15.82
CA LEU A 204 5.68 -14.55 -14.66
C LEU A 204 4.23 -15.03 -14.56
N ARG A 205 3.25 -14.32 -15.10
CA ARG A 205 1.88 -14.79 -15.18
C ARG A 205 1.88 -16.01 -16.04
N ARG A 206 2.56 -16.09 -17.18
CA ARG A 206 2.66 -17.35 -17.91
C ARG A 206 3.35 -18.49 -17.15
N VAL A 207 4.45 -18.21 -16.45
CA VAL A 207 5.15 -19.14 -15.62
C VAL A 207 4.26 -19.73 -14.58
N PHE A 208 3.48 -18.95 -13.87
CA PHE A 208 2.59 -19.49 -12.83
C PHE A 208 1.53 -20.46 -13.39
N ASP A 209 1.02 -20.27 -14.60
CA ASP A 209 0.09 -21.19 -15.19
C ASP A 209 0.80 -22.48 -15.58
N LYS A 210 1.92 -22.40 -16.29
CA LYS A 210 2.71 -23.54 -16.75
C LYS A 210 3.21 -24.33 -15.56
N TYR A 211 3.64 -23.72 -14.46
CA TYR A 211 3.99 -24.43 -13.24
C TYR A 211 2.81 -25.28 -12.70
N MET A 212 1.57 -24.77 -12.83
CA MET A 212 0.34 -25.48 -12.45
C MET A 212 0.20 -26.72 -13.35
N THR A 213 0.30 -26.60 -14.68
CA THR A 213 0.25 -27.72 -15.63
C THR A 213 1.26 -28.78 -15.23
N ILE A 214 2.54 -28.43 -14.98
CA ILE A 214 3.59 -29.39 -14.68
C ILE A 214 3.47 -30.07 -13.32
N SER A 215 3.11 -29.37 -12.24
CA SER A 215 3.13 -29.96 -10.93
C SER A 215 1.81 -30.34 -10.29
N GLY A 216 0.68 -29.83 -10.82
CA GLY A 216 -0.63 -29.94 -10.21
C GLY A 216 -0.75 -29.00 -8.99
N PHE A 217 0.17 -28.08 -8.70
CA PHE A 217 0.11 -27.16 -7.58
C PHE A 217 0.18 -25.77 -8.16
N GLN A 218 -0.46 -24.82 -7.47
CA GLN A 218 -0.33 -23.40 -7.76
C GLN A 218 0.97 -23.00 -7.07
N ILE A 219 1.66 -22.01 -7.63
CA ILE A 219 2.91 -21.61 -7.02
C ILE A 219 2.66 -21.22 -5.57
N GLU A 220 1.56 -20.55 -5.20
CA GLU A 220 1.25 -20.23 -3.79
C GLU A 220 1.22 -21.42 -2.84
N GLU A 221 0.72 -22.52 -3.41
CA GLU A 221 0.59 -23.75 -2.65
C GLU A 221 1.97 -24.28 -2.40
N THR A 222 2.83 -24.26 -3.45
CA THR A 222 4.24 -24.68 -3.27
C THR A 222 4.95 -23.74 -2.30
N ILE A 223 4.84 -22.41 -2.40
CA ILE A 223 5.50 -21.52 -1.43
C ILE A 223 5.08 -21.86 -0.03
N ASP A 224 3.78 -22.08 0.24
CA ASP A 224 3.40 -22.48 1.58
C ASP A 224 4.02 -23.80 1.98
N ARG A 225 4.07 -24.78 1.11
CA ARG A 225 4.72 -26.10 1.35
C ARG A 225 6.22 -26.05 1.63
N GLU A 226 6.87 -25.21 0.85
CA GLU A 226 8.31 -25.14 0.92
C GLU A 226 8.83 -24.14 1.86
N THR A 227 8.17 -23.02 2.23
CA THR A 227 8.82 -22.07 3.14
C THR A 227 7.93 -21.78 4.35
N SER A 228 8.32 -20.86 5.23
CA SER A 228 7.62 -20.43 6.40
C SER A 228 7.99 -18.98 6.75
N GLY A 229 7.23 -18.35 7.64
CA GLY A 229 7.65 -17.10 8.24
C GLY A 229 7.62 -15.90 7.32
N ASN A 230 8.59 -15.03 7.55
CA ASN A 230 8.70 -13.79 6.79
C ASN A 230 8.93 -13.98 5.32
N LEU A 231 9.82 -14.92 4.95
CA LEU A 231 10.00 -15.26 3.56
C LEU A 231 8.73 -15.81 2.91
N GLU A 232 7.97 -16.68 3.58
CA GLU A 232 6.69 -17.14 3.05
C GLU A 232 5.73 -15.99 2.79
N ASN A 233 5.60 -15.08 3.76
CA ASN A 233 4.72 -13.90 3.58
C ASN A 233 5.13 -13.05 2.40
N LEU A 234 6.42 -12.79 2.27
CA LEU A 234 6.92 -11.98 1.23
C LEU A 234 6.75 -12.69 -0.04
N LEU A 235 7.06 -14.00 -0.16
CA LEU A 235 6.92 -14.65 -1.48
C LEU A 235 5.48 -14.69 -1.91
N LEU A 236 4.54 -14.94 -0.98
CA LEU A 236 3.11 -14.87 -1.31
C LEU A 236 2.64 -13.48 -1.73
N ALA A 237 3.15 -12.39 -1.09
CA ALA A 237 2.75 -11.04 -1.44
C ALA A 237 3.16 -10.68 -2.84
N VAL A 238 4.37 -11.15 -3.19
CA VAL A 238 4.96 -10.93 -4.52
C VAL A 238 4.15 -11.65 -5.61
N VAL A 239 3.79 -12.94 -5.44
CA VAL A 239 2.97 -13.66 -6.39
C VAL A 239 1.60 -13.01 -6.55
N LYS A 240 0.96 -12.68 -5.41
CA LYS A 240 -0.36 -12.06 -5.42
C LYS A 240 -0.32 -10.78 -6.15
N SER A 241 0.69 -9.95 -5.86
CA SER A 241 0.85 -8.70 -6.58
C SER A 241 1.14 -8.92 -8.04
N ILE A 242 1.81 -10.00 -8.50
CA ILE A 242 2.08 -10.13 -9.90
C ILE A 242 0.77 -10.39 -10.56
N ARG A 243 -0.06 -11.19 -9.90
CA ARG A 243 -1.35 -11.57 -10.44
C ARG A 243 -2.25 -10.38 -10.56
N SER A 244 -2.40 -9.62 -9.47
CA SER A 244 -3.17 -8.39 -9.47
C SER A 244 -2.79 -7.57 -8.24
N ILE A 245 -2.17 -6.39 -8.38
CA ILE A 245 -1.97 -5.51 -7.23
C ILE A 245 -3.32 -5.16 -6.58
N PRO A 246 -4.41 -4.70 -7.24
CA PRO A 246 -5.69 -4.42 -6.63
C PRO A 246 -6.21 -5.56 -5.80
N ALA A 247 -6.13 -6.77 -6.41
CA ALA A 247 -6.61 -7.96 -5.74
C ALA A 247 -5.81 -8.18 -4.51
N TYR A 248 -4.48 -7.99 -4.55
CA TYR A 248 -3.68 -8.22 -3.36
C TYR A 248 -4.06 -7.22 -2.27
N LEU A 249 -4.29 -5.94 -2.65
CA LEU A 249 -4.60 -4.94 -1.66
C LEU A 249 -6.03 -5.04 -1.13
N ALA A 250 -6.98 -5.57 -1.90
CA ALA A 250 -8.34 -5.88 -1.45
C ALA A 250 -8.29 -6.93 -0.37
N GLU A 251 -7.43 -7.93 -0.57
CA GLU A 251 -7.18 -9.01 0.39
C GLU A 251 -6.50 -8.55 1.69
N THR A 252 -5.52 -7.62 1.61
CA THR A 252 -4.91 -6.97 2.78
C THR A 252 -5.96 -6.21 3.62
N LEU A 253 -6.82 -5.44 2.92
CA LEU A 253 -7.91 -4.71 3.54
C LEU A 253 -8.84 -5.69 4.23
N TYR A 254 -9.46 -6.67 3.56
CA TYR A 254 -10.32 -7.65 4.23
C TYR A 254 -9.74 -8.26 5.50
N TYR A 255 -8.46 -8.66 5.59
CA TYR A 255 -8.00 -9.25 6.84
C TYR A 255 -7.71 -8.22 7.90
N ALA A 256 -7.56 -6.94 7.53
CA ALA A 256 -7.30 -5.94 8.55
C ALA A 256 -8.61 -5.76 9.33
N MET A 257 -9.75 -6.00 8.67
CA MET A 257 -11.04 -5.89 9.34
C MET A 257 -11.63 -7.21 9.81
N LYS A 258 -11.74 -8.25 8.99
CA LYS A 258 -12.45 -9.49 9.28
C LYS A 258 -12.26 -10.11 10.64
N GLY A 259 -11.08 -10.03 11.25
CA GLY A 259 -10.94 -10.53 12.61
C GLY A 259 -11.83 -9.74 13.58
N ALA A 260 -11.72 -9.98 14.88
CA ALA A 260 -12.53 -9.25 15.84
C ALA A 260 -12.27 -7.76 15.72
N GLY A 261 -11.11 -7.22 16.07
CA GLY A 261 -10.87 -5.77 16.02
C GLY A 261 -10.75 -5.22 14.60
N THR A 262 -10.00 -4.16 14.40
CA THR A 262 -9.70 -3.69 13.07
C THR A 262 -8.26 -3.34 13.27
N ASP A 263 -7.42 -3.71 12.27
CA ASP A 263 -6.07 -3.26 12.15
C ASP A 263 -6.21 -1.89 11.49
N ASP A 264 -6.38 -0.88 12.34
CA ASP A 264 -6.64 0.46 11.84
C ASP A 264 -5.51 1.09 11.06
N HIS A 265 -4.30 0.81 11.50
CA HIS A 265 -3.14 1.25 10.77
C HIS A 265 -3.18 0.73 9.35
N THR A 266 -3.53 -0.53 9.04
CA THR A 266 -3.48 -1.01 7.67
C THR A 266 -4.57 -0.44 6.82
N LEU A 267 -5.71 -0.30 7.49
CA LEU A 267 -6.90 0.26 6.84
C LEU A 267 -6.65 1.72 6.45
N ILE A 268 -6.02 2.56 7.29
CA ILE A 268 -5.75 3.97 6.94
C ILE A 268 -4.73 3.97 5.84
N ARG A 269 -3.58 3.24 6.01
CA ARG A 269 -2.55 3.16 4.99
C ARG A 269 -3.06 2.68 3.66
N VAL A 270 -3.87 1.60 3.50
CA VAL A 270 -4.22 1.21 2.14
C VAL A 270 -5.25 2.21 1.56
N ILE A 271 -6.23 2.74 2.32
CA ILE A 271 -7.18 3.66 1.72
C ILE A 271 -6.50 4.96 1.29
N VAL A 272 -5.63 5.50 2.16
CA VAL A 272 -4.95 6.75 1.81
C VAL A 272 -3.94 6.53 0.71
N SER A 273 -3.01 5.55 0.80
CA SER A 273 -2.01 5.43 -0.26
C SER A 273 -2.57 5.09 -1.62
N ARG A 274 -3.74 4.49 -1.71
CA ARG A 274 -4.28 4.12 -3.00
C ARG A 274 -5.44 4.99 -3.48
N SER A 275 -5.93 5.97 -2.68
CA SER A 275 -7.12 6.76 -3.00
C SER A 275 -7.10 7.41 -4.35
N GLU A 276 -5.90 7.82 -4.74
CA GLU A 276 -5.72 8.41 -6.04
C GLU A 276 -5.02 7.52 -7.08
N ILE A 277 -4.97 6.21 -6.87
CA ILE A 277 -4.33 5.31 -7.82
C ILE A 277 -5.31 4.26 -8.35
N ASP A 278 -5.73 3.35 -7.50
CA ASP A 278 -6.47 2.21 -7.97
C ASP A 278 -7.47 1.77 -6.93
N LEU A 279 -7.97 2.62 -6.03
CA LEU A 279 -8.89 2.18 -4.99
C LEU A 279 -10.25 1.82 -5.59
N PHE A 280 -10.64 2.32 -6.75
CA PHE A 280 -11.85 1.88 -7.40
C PHE A 280 -11.72 0.38 -7.72
N ASN A 281 -10.61 0.01 -8.37
CA ASN A 281 -10.24 -1.36 -8.71
C ASN A 281 -10.13 -2.21 -7.48
N ILE A 282 -9.55 -1.73 -6.39
CA ILE A 282 -9.57 -2.47 -5.16
C ILE A 282 -11.01 -2.71 -4.71
N ARG A 283 -11.96 -1.77 -4.87
CA ARG A 283 -13.36 -2.01 -4.50
C ARG A 283 -13.94 -3.15 -5.31
N LYS A 284 -13.81 -3.13 -6.63
CA LYS A 284 -14.28 -4.21 -7.50
C LYS A 284 -13.79 -5.62 -7.12
N GLU A 285 -12.48 -5.74 -6.94
CA GLU A 285 -11.82 -6.97 -6.50
C GLU A 285 -12.31 -7.38 -5.16
N PHE A 286 -12.53 -6.49 -4.22
CA PHE A 286 -13.00 -6.86 -2.90
C PHE A 286 -14.43 -7.39 -3.02
N ARG A 287 -15.29 -6.77 -3.80
CA ARG A 287 -16.67 -7.23 -3.91
C ARG A 287 -16.68 -8.62 -4.56
N LYS A 288 -16.16 -8.71 -5.78
CA LYS A 288 -16.05 -9.95 -6.52
C LYS A 288 -15.49 -11.09 -5.67
N ASN A 289 -14.45 -10.85 -4.89
CA ASN A 289 -13.90 -11.91 -4.09
C ASN A 289 -14.52 -12.18 -2.75
N PHE A 290 -14.85 -11.19 -1.91
CA PHE A 290 -15.30 -11.54 -0.57
C PHE A 290 -16.78 -11.31 -0.39
N ALA A 291 -17.51 -11.25 -1.49
CA ALA A 291 -18.95 -11.12 -1.51
C ALA A 291 -19.55 -9.91 -0.79
N THR A 292 -18.75 -9.03 -0.20
CA THR A 292 -19.20 -7.87 0.55
C THR A 292 -18.67 -6.65 -0.18
N SER A 293 -19.30 -5.47 -0.03
CA SER A 293 -18.75 -4.19 -0.49
C SER A 293 -17.81 -3.83 0.64
N LEU A 294 -16.77 -3.11 0.21
CA LEU A 294 -15.75 -2.56 1.08
C LEU A 294 -16.43 -1.52 1.94
N TYR A 295 -17.37 -0.73 1.36
CA TYR A 295 -18.16 0.19 2.13
C TYR A 295 -18.90 -0.51 3.28
N SER A 296 -19.64 -1.61 3.09
CA SER A 296 -20.35 -2.23 4.22
C SER A 296 -19.40 -2.78 5.25
N MET A 297 -18.26 -3.28 4.75
CA MET A 297 -17.26 -3.81 5.63
C MET A 297 -16.68 -2.72 6.55
N ILE A 298 -16.29 -1.57 5.99
CA ILE A 298 -15.84 -0.43 6.80
C ILE A 298 -16.99 0.06 7.72
N LYS A 299 -18.17 0.35 7.14
CA LYS A 299 -19.34 0.80 7.88
C LYS A 299 -19.68 -0.10 9.03
N GLY A 300 -19.42 -1.39 8.86
CA GLY A 300 -19.59 -2.31 9.96
C GLY A 300 -18.43 -2.26 10.96
N ASP A 301 -17.19 -2.09 10.50
CA ASP A 301 -16.06 -2.21 11.39
C ASP A 301 -15.54 -0.94 12.04
N THR A 302 -16.01 0.29 11.71
CA THR A 302 -15.47 1.52 12.28
C THR A 302 -16.51 2.45 12.95
N SER A 303 -16.18 3.60 13.57
CA SER A 303 -17.12 4.49 14.26
C SER A 303 -16.75 5.96 14.14
N GLY A 304 -17.66 6.84 14.58
CA GLY A 304 -17.49 8.28 14.64
C GLY A 304 -17.25 8.98 13.30
N ASP A 305 -16.41 10.02 13.38
CA ASP A 305 -15.98 10.87 12.25
C ASP A 305 -15.00 10.06 11.38
N TYR A 306 -14.14 9.29 12.06
CA TYR A 306 -13.22 8.29 11.47
C TYR A 306 -13.94 7.49 10.37
N LYS A 307 -15.03 6.83 10.79
CA LYS A 307 -15.90 6.07 9.90
C LYS A 307 -16.49 6.88 8.77
N LYS A 308 -16.87 8.14 9.02
CA LYS A 308 -17.57 8.94 8.01
C LYS A 308 -16.60 9.37 6.95
N ALA A 309 -15.39 9.66 7.42
CA ALA A 309 -14.31 10.15 6.58
C ALA A 309 -13.85 9.01 5.73
N LEU A 310 -13.75 7.83 6.35
CA LEU A 310 -13.23 6.66 5.66
C LEU A 310 -14.18 6.30 4.52
N LEU A 311 -15.48 6.39 4.79
CA LEU A 311 -16.54 6.10 3.81
C LEU A 311 -16.71 7.07 2.68
N LEU A 312 -16.51 8.37 2.92
CA LEU A 312 -16.54 9.30 1.81
C LEU A 312 -15.29 9.02 1.01
N LEU A 313 -14.18 8.62 1.62
CA LEU A 313 -12.96 8.30 0.87
C LEU A 313 -13.15 7.07 -0.03
N CYS A 314 -13.63 5.94 0.50
CA CYS A 314 -13.97 4.73 -0.26
C CYS A 314 -15.01 4.95 -1.37
N GLY A 315 -16.18 5.44 -1.00
CA GLY A 315 -17.16 5.91 -1.96
C GLY A 315 -18.17 4.97 -2.60
N GLY A 316 -18.12 3.63 -2.63
CA GLY A 316 -19.11 2.93 -3.43
C GLY A 316 -19.98 1.89 -2.76
N GLU A 317 -21.26 1.85 -3.12
CA GLU A 317 -22.11 0.78 -2.65
C GLU A 317 -22.46 -0.10 -3.83
N ASP A 318 -21.94 -1.30 -3.60
CA ASP A 318 -21.83 -2.46 -4.49
C ASP A 318 -20.39 -2.78 -4.16
N ASP A 319 -19.56 -1.76 -4.30
CA ASP A 319 -18.12 -1.84 -4.13
C ASP A 319 -17.60 -0.93 -3.02
CA CA B . -10.54 24.81 18.82
CA CA C . -4.14 15.20 19.06
CA CA D . -16.76 18.69 17.92
CA CA E . 14.30 -1.22 13.91
CA CA F . 20.38 -7.29 9.54
CA CA G . 8.79 -7.91 13.81
CA CA H . 11.54 -29.24 -1.25
CA CA I . 4.55 -22.54 5.28
CA CA J . 17.48 -23.94 1.47
CA CA K . -13.47 -6.55 12.75
C1 GSE L . 12.03 -30.68 4.25
O11 GSE L . 12.00 -29.42 3.54
O12 GSE L . 11.49 -27.42 2.44
C2 GSE L . 12.96 -30.48 5.45
C3 GSE L . 14.46 -30.62 5.14
O31 GSE L . 14.92 -29.60 4.23
P GSE L . 11.14 -28.93 2.39
O14 GSE L . 11.55 -29.53 1.10
O13 GSE L . 9.72 -29.22 2.52
O21 GSE L . 12.73 -29.14 5.95
C11 GSE L . 12.35 -26.93 3.56
CA GSE L . 13.22 -25.67 3.31
N GSE L . 12.26 -25.07 2.46
C GSE L . 14.77 -25.81 3.12
OXT GSE L . 15.48 -25.36 2.20
O GSE L . 15.46 -26.31 3.98
#